data_8R2E
#
_entry.id   8R2E
#
_cell.length_a   52.960
_cell.length_b   62.195
_cell.length_c   89.644
_cell.angle_alpha   90.00
_cell.angle_beta   90.00
_cell.angle_gamma   90.00
#
_symmetry.space_group_name_H-M   'P 21 21 21'
#
loop_
_entity.id
_entity.type
_entity.pdbx_description
1 polymer SnoL
2 non-polymer "3',4'-demethoxy-nogalose-1-hydroxy-nogalamycinone"
3 water water
#
_entity_poly.entity_id   1
_entity_poly.type   'polypeptide(L)'
_entity_poly.pdbx_seq_one_letter_code
;MAHHHHHHRSSTTANKERCLEMVAAWNRWDVSGVVAHWAPDVVHYDDEDKPVSAEEVVRRMNSAVEAFPDLRLDVRSIVG
EGDRVMLRITCSATHQGVFMGIAPTGRKVRWTYLEELRFSEAGKVVEHWDVFNFSPLFRDLGVVPDGL
;
_entity_poly.pdbx_strand_id   A,B
#
loop_
_chem_comp.id
_chem_comp.type
_chem_comp.name
_chem_comp.formula
XN8 non-polymer 3',4'-demethoxy-nogalose-1-hydroxy-nogalamycinone 'C29 H32 O13'
#
# COMPACT_ATOMS: atom_id res chain seq x y z
N SER A 11 -22.24 -5.05 7.49
CA SER A 11 -21.37 -4.11 8.30
C SER A 11 -20.00 -3.87 7.67
N THR A 12 -19.34 -4.93 7.17
CA THR A 12 -18.19 -4.75 6.29
C THR A 12 -18.71 -4.02 5.07
N THR A 13 -19.90 -4.38 4.60
CA THR A 13 -20.52 -3.68 3.48
C THR A 13 -20.72 -2.23 3.84
N ALA A 14 -21.30 -1.97 5.00
CA ALA A 14 -21.49 -0.59 5.45
C ALA A 14 -20.13 0.18 5.57
N ASN A 15 -19.10 -0.49 6.06
CA ASN A 15 -17.78 0.12 6.17
C ASN A 15 -17.17 0.45 4.81
N LYS A 16 -17.34 -0.45 3.86
CA LYS A 16 -16.84 -0.16 2.50
C LYS A 16 -17.49 1.05 1.88
N GLU A 17 -18.78 1.21 2.11
CA GLU A 17 -19.55 2.36 1.60
C GLU A 17 -19.10 3.63 2.21
N ARG A 18 -18.84 3.60 3.52
CA ARG A 18 -18.28 4.74 4.17
C ARG A 18 -16.96 5.17 3.56
N CYS A 19 -16.12 4.20 3.23
CA CYS A 19 -14.84 4.53 2.59
C CYS A 19 -15.08 5.19 1.22
N LEU A 20 -16.04 4.66 0.47
CA LEU A 20 -16.34 5.24 -0.84
C LEU A 20 -16.86 6.64 -0.68
N GLU A 21 -17.62 6.87 0.40
CA GLU A 21 -18.05 8.23 0.74
C GLU A 21 -16.87 9.14 0.97
N MET A 22 -15.87 8.66 1.70
CA MET A 22 -14.68 9.42 1.92
C MET A 22 -13.93 9.68 0.61
N VAL A 23 -13.91 8.72 -0.32
CA VAL A 23 -13.24 8.96 -1.60
C VAL A 23 -14.01 10.09 -2.33
N ALA A 24 -15.33 10.03 -2.27
CA ALA A 24 -16.18 11.01 -2.97
C ALA A 24 -15.95 12.38 -2.42
N ALA A 25 -15.80 12.47 -1.09
CA ALA A 25 -15.50 13.74 -0.44
C ALA A 25 -14.19 14.31 -0.96
N TRP A 26 -13.16 13.46 -1.03
CA TRP A 26 -11.87 13.86 -1.63
C TRP A 26 -12.04 14.38 -3.10
N ASN A 27 -12.87 13.70 -3.86
CA ASN A 27 -13.06 14.03 -5.30
C ASN A 27 -13.82 15.30 -5.58
N ARG A 28 -14.51 15.83 -4.57
CA ARG A 28 -15.09 17.17 -4.63
C ARG A 28 -14.29 18.09 -3.71
N TRP A 29 -13.09 17.65 -3.36
CA TRP A 29 -12.13 18.46 -2.62
C TRP A 29 -12.64 18.97 -1.26
N ASP A 30 -13.40 18.13 -0.56
CA ASP A 30 -14.01 18.44 0.72
C ASP A 30 -13.38 17.56 1.85
N VAL A 31 -12.28 18.06 2.37
CA VAL A 31 -11.56 17.42 3.51
C VAL A 31 -12.46 17.22 4.70
N SER A 32 -13.33 18.21 4.96
CA SER A 32 -14.28 18.12 6.04
C SER A 32 -15.15 16.91 5.87
N GLY A 33 -15.45 16.54 4.61
CA GLY A 33 -16.26 15.33 4.33
C GLY A 33 -15.50 14.03 4.70
N VAL A 34 -14.19 14.03 4.65
CA VAL A 34 -13.41 12.87 5.05
C VAL A 34 -13.39 12.78 6.58
N VAL A 35 -13.04 13.88 7.22
CA VAL A 35 -12.94 14.01 8.66
C VAL A 35 -14.20 13.63 9.37
N ALA A 36 -15.34 13.84 8.73
CA ALA A 36 -16.57 13.57 9.40
C ALA A 36 -16.69 12.10 9.76
N HIS A 37 -15.99 11.21 9.06
CA HIS A 37 -16.03 9.79 9.44
C HIS A 37 -15.13 9.36 10.60
N TRP A 38 -14.30 10.26 11.09
CA TRP A 38 -13.36 9.93 12.15
C TRP A 38 -14.04 9.87 13.49
N ALA A 39 -13.65 8.89 14.30
CA ALA A 39 -14.07 8.85 15.68
C ALA A 39 -13.32 9.95 16.39
N PRO A 40 -13.84 10.33 17.56
CA PRO A 40 -13.14 11.40 18.27
C PRO A 40 -11.79 10.92 18.76
N ASP A 41 -11.64 9.65 19.05
CA ASP A 41 -10.34 9.12 19.50
C ASP A 41 -9.60 8.36 18.40
N VAL A 42 -9.72 8.82 17.15
CA VAL A 42 -9.05 8.17 16.04
C VAL A 42 -7.55 8.31 16.18
N VAL A 43 -6.79 7.30 15.78
CA VAL A 43 -5.34 7.38 15.74
C VAL A 43 -4.86 7.16 14.30
N HIS A 44 -4.10 8.11 13.79
CA HIS A 44 -3.47 8.03 12.51
C HIS A 44 -2.02 7.71 12.68
N TYR A 45 -1.49 6.81 11.86
CA TYR A 45 -0.08 6.41 11.97
C TYR A 45 0.74 6.87 10.75
N ASP A 46 1.91 7.44 11.02
CA ASP A 46 2.87 7.74 9.93
C ASP A 46 3.63 6.51 9.45
N ASP A 47 4.44 6.73 8.43
CA ASP A 47 5.29 5.70 7.83
C ASP A 47 6.15 4.92 8.79
N GLU A 48 6.39 5.41 10.01
CA GLU A 48 7.21 4.68 10.98
C GLU A 48 6.33 4.07 12.03
N ASP A 49 5.03 4.22 11.86
CA ASP A 49 4.04 3.71 12.81
C ASP A 49 3.97 4.54 14.10
N LYS A 50 4.41 5.78 14.04
CA LYS A 50 4.17 6.69 15.12
C LYS A 50 2.84 7.41 14.91
N PRO A 51 2.02 7.58 15.98
CA PRO A 51 0.82 8.43 15.85
C PRO A 51 1.14 9.84 15.37
N VAL A 52 0.23 10.34 14.56
CA VAL A 52 0.21 11.70 14.10
C VAL A 52 -1.10 12.33 14.55
N SER A 53 -1.04 13.54 15.09
CA SER A 53 -2.26 14.16 15.55
C SER A 53 -3.21 14.43 14.41
N ALA A 54 -4.48 14.33 14.72
CA ALA A 54 -5.56 14.57 13.79
C ALA A 54 -5.45 15.96 13.20
N GLU A 55 -4.89 16.91 13.94
CA GLU A 55 -4.76 18.25 13.46
C GLU A 55 -3.70 18.34 12.40
N GLU A 56 -2.59 17.64 12.61
CA GLU A 56 -1.55 17.62 11.59
C GLU A 56 -2.01 16.82 10.35
N VAL A 57 -2.84 15.80 10.60
CA VAL A 57 -3.36 15.06 9.48
C VAL A 57 -4.22 16.01 8.62
N VAL A 58 -5.10 16.76 9.28
CA VAL A 58 -5.99 17.68 8.57
C VAL A 58 -5.19 18.73 7.82
N ARG A 59 -4.04 19.12 8.38
CA ARG A 59 -3.24 20.08 7.75
C ARG A 59 -2.61 19.52 6.50
N ARG A 60 -2.10 18.29 6.56
CA ARG A 60 -1.50 17.70 5.37
C ARG A 60 -2.59 17.55 4.31
N MET A 61 -3.79 17.16 4.70
CA MET A 61 -4.89 16.96 3.74
C MET A 61 -5.28 18.25 3.08
N ASN A 62 -5.33 19.31 3.87
CA ASN A 62 -5.68 20.62 3.36
C ASN A 62 -4.64 21.11 2.39
N SER A 63 -3.38 20.84 2.68
CA SER A 63 -2.31 21.20 1.79
C SER A 63 -2.40 20.47 0.46
N ALA A 64 -2.80 19.20 0.49
CA ALA A 64 -2.88 18.41 -0.76
C ALA A 64 -3.97 19.00 -1.66
N VAL A 65 -5.10 19.36 -1.07
CA VAL A 65 -6.18 19.93 -1.86
C VAL A 65 -5.81 21.28 -2.43
N GLU A 66 -5.01 22.05 -1.70
CA GLU A 66 -4.53 23.32 -2.23
C GLU A 66 -3.55 23.04 -3.35
N ALA A 67 -2.59 22.14 -3.09
CA ALA A 67 -1.53 21.92 -4.08
C ALA A 67 -1.92 21.11 -5.34
N PHE A 68 -2.95 20.29 -5.25
CA PHE A 68 -3.35 19.37 -6.30
C PHE A 68 -4.83 19.58 -6.50
N PRO A 69 -5.21 20.79 -6.92
CA PRO A 69 -6.60 21.25 -6.83
C PRO A 69 -7.51 20.57 -7.81
N ASP A 70 -6.95 19.89 -8.82
CA ASP A 70 -7.76 19.07 -9.73
C ASP A 70 -7.68 17.58 -9.44
N LEU A 71 -7.25 17.20 -8.25
CA LEU A 71 -7.03 15.82 -7.98
C LEU A 71 -8.28 14.93 -8.17
N ARG A 72 -8.00 13.70 -8.60
CA ARG A 72 -9.04 12.69 -8.83
C ARG A 72 -8.55 11.35 -8.31
N LEU A 73 -9.35 10.70 -7.51
CA LEU A 73 -8.94 9.41 -6.93
C LEU A 73 -9.74 8.32 -7.56
N ASP A 74 -9.08 7.30 -8.08
CA ASP A 74 -9.82 6.14 -8.57
C ASP A 74 -9.54 4.93 -7.73
N VAL A 75 -10.58 4.35 -7.15
CA VAL A 75 -10.34 3.18 -6.32
C VAL A 75 -10.06 2.00 -7.23
N ARG A 76 -8.86 1.48 -7.22
CA ARG A 76 -8.52 0.36 -8.11
C ARG A 76 -9.04 -0.92 -7.46
N SER A 77 -9.03 -0.99 -6.14
CA SER A 77 -9.56 -2.19 -5.50
C SER A 77 -9.93 -1.83 -4.07
N ILE A 78 -10.91 -2.54 -3.54
CA ILE A 78 -11.33 -2.42 -2.18
C ILE A 78 -11.74 -3.77 -1.58
N VAL A 79 -11.26 -4.07 -0.38
CA VAL A 79 -11.59 -5.28 0.29
C VAL A 79 -11.87 -4.97 1.76
N GLY A 80 -12.96 -5.54 2.23
CA GLY A 80 -13.38 -5.47 3.64
C GLY A 80 -13.49 -6.83 4.25
N GLU A 81 -13.00 -6.93 5.49
CA GLU A 81 -13.16 -8.09 6.34
C GLU A 81 -13.20 -7.68 7.83
N GLY A 82 -14.24 -8.11 8.53
CA GLY A 82 -14.42 -7.74 9.95
C GLY A 82 -14.56 -6.23 10.10
N ASP A 83 -13.75 -5.63 10.97
CA ASP A 83 -13.79 -4.23 11.21
C ASP A 83 -12.78 -3.46 10.35
N ARG A 84 -12.17 -4.14 9.38
CA ARG A 84 -11.17 -3.52 8.55
C ARG A 84 -11.55 -3.30 7.08
N VAL A 85 -11.06 -2.21 6.48
CA VAL A 85 -11.13 -2.00 5.04
C VAL A 85 -9.78 -1.56 4.47
N MET A 86 -9.34 -2.19 3.38
CA MET A 86 -8.18 -1.74 2.63
C MET A 86 -8.58 -1.35 1.20
N LEU A 87 -7.98 -0.27 0.69
CA LEU A 87 -8.23 0.22 -0.64
C LEU A 87 -6.94 0.57 -1.30
N ARG A 88 -6.80 0.21 -2.58
CA ARG A 88 -5.67 0.67 -3.38
C ARG A 88 -6.23 1.73 -4.27
N ILE A 89 -5.62 2.90 -4.26
CA ILE A 89 -6.18 4.06 -4.91
C ILE A 89 -5.09 4.67 -5.77
N THR A 90 -5.51 5.18 -6.95
CA THR A 90 -4.65 6.00 -7.77
C THR A 90 -5.14 7.42 -7.78
N CYS A 91 -4.23 8.35 -7.49
CA CYS A 91 -4.53 9.78 -7.55
C CYS A 91 -3.80 10.38 -8.75
N SER A 92 -4.51 11.16 -9.54
CA SER A 92 -3.97 11.92 -10.65
C SER A 92 -4.35 13.36 -10.43
N ALA A 93 -3.41 14.24 -10.74
CA ALA A 93 -3.57 15.69 -10.57
C ALA A 93 -2.51 16.43 -11.33
N THR A 94 -2.63 17.74 -11.30
CA THR A 94 -1.57 18.59 -11.75
C THR A 94 -0.97 19.27 -10.50
N HIS A 95 0.33 19.41 -10.51
CA HIS A 95 1.02 19.92 -9.33
C HIS A 95 1.13 21.46 -9.38
N GLN A 96 0.13 22.10 -8.80
CA GLN A 96 -0.07 23.55 -8.89
C GLN A 96 0.43 24.34 -7.69
N GLY A 97 0.45 23.72 -6.51
CA GLY A 97 0.92 24.41 -5.32
C GLY A 97 2.12 23.78 -4.65
N VAL A 98 2.66 24.46 -3.63
CA VAL A 98 3.72 23.91 -2.83
C VAL A 98 3.13 22.75 -2.00
N PHE A 99 3.85 21.62 -1.93
CA PHE A 99 3.38 20.52 -1.10
C PHE A 99 4.55 19.89 -0.37
N MET A 100 4.50 19.86 0.95
CA MET A 100 5.57 19.22 1.75
C MET A 100 6.89 19.71 1.27
N GLY A 101 6.97 21.02 1.12
CA GLY A 101 8.17 21.68 0.66
C GLY A 101 8.52 21.59 -0.79
N ILE A 102 7.74 20.88 -1.60
CA ILE A 102 8.14 20.74 -3.00
C ILE A 102 7.42 21.75 -3.90
N ALA A 103 8.21 22.48 -4.67
CA ALA A 103 7.69 23.56 -5.52
C ALA A 103 6.79 22.99 -6.65
N PRO A 104 5.66 23.66 -6.96
CA PRO A 104 4.87 23.10 -8.08
C PRO A 104 5.65 23.08 -9.42
N THR A 105 5.38 22.07 -10.22
CA THR A 105 6.00 21.96 -11.52
C THR A 105 5.02 22.24 -12.61
N GLY A 106 3.74 22.39 -12.27
CA GLY A 106 2.71 22.54 -13.27
C GLY A 106 2.40 21.28 -14.03
N ARG A 107 3.06 20.18 -13.69
CA ARG A 107 2.96 18.99 -14.50
C ARG A 107 1.95 17.99 -13.93
N LYS A 108 1.53 17.07 -14.78
CA LYS A 108 0.67 15.99 -14.37
C LYS A 108 1.45 15.04 -13.51
N VAL A 109 0.87 14.60 -12.42
CA VAL A 109 1.54 13.68 -11.54
C VAL A 109 0.51 12.61 -11.26
N ARG A 110 0.96 11.42 -10.91
CA ARG A 110 0.05 10.33 -10.62
C ARG A 110 0.72 9.33 -9.67
N TRP A 111 0.04 8.98 -8.58
CA TRP A 111 0.62 8.05 -7.65
C TRP A 111 -0.46 7.09 -7.17
N THR A 112 -0.01 5.92 -6.72
CA THR A 112 -0.89 4.88 -6.24
C THR A 112 -0.55 4.55 -4.77
N TYR A 113 -1.56 4.29 -3.95
CA TYR A 113 -1.36 4.07 -2.53
C TYR A 113 -2.36 3.15 -1.88
N LEU A 114 -2.06 2.71 -0.67
CA LEU A 114 -2.98 1.96 0.13
C LEU A 114 -3.56 2.86 1.23
N GLU A 115 -4.83 2.70 1.51
CA GLU A 115 -5.44 3.22 2.71
C GLU A 115 -5.97 2.06 3.47
N GLU A 116 -5.65 1.96 4.76
CA GLU A 116 -6.24 0.96 5.63
C GLU A 116 -7.02 1.65 6.73
N LEU A 117 -8.28 1.28 6.91
CA LEU A 117 -9.15 1.87 7.92
C LEU A 117 -9.77 0.82 8.84
N ARG A 118 -9.72 1.11 10.13
CA ARG A 118 -10.29 0.27 11.16
C ARG A 118 -11.54 1.02 11.63
N PHE A 119 -12.66 0.32 11.73
CA PHE A 119 -13.91 0.94 12.12
C PHE A 119 -14.36 0.47 13.47
N SER A 120 -14.94 1.37 14.25
CA SER A 120 -15.63 0.99 15.47
C SER A 120 -16.95 0.26 15.09
N GLU A 121 -17.58 -0.34 16.08
CA GLU A 121 -18.86 -0.98 15.92
C GLU A 121 -19.86 -0.02 15.39
N ALA A 122 -19.79 1.24 15.81
CA ALA A 122 -20.68 2.26 15.29
C ALA A 122 -20.40 2.81 13.87
N GLY A 123 -19.28 2.47 13.24
CA GLY A 123 -19.00 2.88 11.85
C GLY A 123 -18.14 4.09 11.73
N LYS A 124 -17.43 4.45 12.78
CA LYS A 124 -16.47 5.56 12.75
C LYS A 124 -15.05 5.04 12.63
N VAL A 125 -14.16 5.84 12.05
CA VAL A 125 -12.82 5.40 11.86
C VAL A 125 -12.06 5.54 13.16
N VAL A 126 -11.53 4.44 13.68
CA VAL A 126 -10.74 4.51 14.92
C VAL A 126 -9.22 4.39 14.74
N GLU A 127 -8.77 3.74 13.66
CA GLU A 127 -7.33 3.66 13.39
C GLU A 127 -7.15 3.76 11.90
N HIS A 128 -6.05 4.36 11.52
CA HIS A 128 -5.85 4.68 10.12
C HIS A 128 -4.38 4.54 9.74
N TRP A 129 -4.09 3.80 8.68
CA TRP A 129 -2.77 3.62 8.15
C TRP A 129 -2.78 3.92 6.64
N ASP A 130 -1.61 4.30 6.11
CA ASP A 130 -1.39 4.51 4.65
C ASP A 130 -0.04 3.88 4.24
N VAL A 131 0.07 3.48 2.97
CA VAL A 131 1.35 3.23 2.37
C VAL A 131 1.37 4.00 1.05
N PHE A 132 2.25 4.97 0.95
CA PHE A 132 2.39 5.77 -0.24
C PHE A 132 3.72 5.52 -0.94
N ASN A 133 3.65 5.43 -2.27
CA ASN A 133 4.80 5.58 -3.10
C ASN A 133 4.73 6.94 -3.77
N PHE A 134 5.37 7.90 -3.14
CA PHE A 134 5.39 9.27 -3.58
C PHE A 134 6.56 9.55 -4.52
N SER A 135 7.30 8.55 -4.98
CA SER A 135 8.42 8.86 -5.86
C SER A 135 8.07 9.69 -7.12
N PRO A 136 6.81 9.64 -7.64
CA PRO A 136 6.58 10.53 -8.80
C PRO A 136 6.78 12.00 -8.43
N LEU A 137 6.49 12.35 -7.20
CA LEU A 137 6.80 13.71 -6.75
C LEU A 137 8.30 14.00 -6.60
N PHE A 138 9.14 13.04 -6.22
CA PHE A 138 10.57 13.37 -6.06
C PHE A 138 11.53 12.59 -6.94
N ARG A 139 11.01 11.97 -7.99
CA ARG A 139 11.89 11.26 -8.90
C ARG A 139 12.90 12.24 -9.52
N SER B 11 -13.20 -19.84 0.98
CA SER B 11 -12.27 -19.47 -0.13
C SER B 11 -11.29 -18.36 0.25
N THR B 12 -11.81 -17.32 0.87
CA THR B 12 -10.98 -16.29 1.48
C THR B 12 -10.00 -16.84 2.51
N THR B 13 -10.41 -17.82 3.31
CA THR B 13 -9.50 -18.38 4.30
C THR B 13 -8.33 -19.12 3.65
N ALA B 14 -8.63 -19.90 2.63
CA ALA B 14 -7.60 -20.63 1.95
C ALA B 14 -6.67 -19.63 1.23
N ASN B 15 -7.23 -18.58 0.65
CA ASN B 15 -6.37 -17.62 -0.05
C ASN B 15 -5.40 -16.91 0.90
N LYS B 16 -5.94 -16.47 2.04
CA LYS B 16 -5.09 -15.86 3.08
C LYS B 16 -4.00 -16.80 3.56
N GLU B 17 -4.33 -18.08 3.76
CA GLU B 17 -3.33 -19.06 4.18
C GLU B 17 -2.24 -19.17 3.12
N ARG B 18 -2.60 -19.17 1.85
CA ARG B 18 -1.59 -19.16 0.79
C ARG B 18 -0.66 -17.94 0.85
N CYS B 19 -1.21 -16.76 1.11
CA CYS B 19 -0.42 -15.55 1.30
C CYS B 19 0.58 -15.71 2.40
N LEU B 20 0.16 -16.25 3.53
CA LEU B 20 1.09 -16.46 4.65
C LEU B 20 2.21 -17.49 4.38
N GLU B 21 1.90 -18.50 3.56
CA GLU B 21 2.94 -19.43 3.09
C GLU B 21 3.95 -18.64 2.23
N MET B 22 3.47 -17.78 1.35
CA MET B 22 4.37 -16.92 0.55
C MET B 22 5.21 -16.03 1.49
N VAL B 23 4.60 -15.49 2.54
CA VAL B 23 5.39 -14.71 3.48
C VAL B 23 6.46 -15.60 4.17
N ALA B 24 6.09 -16.81 4.56
CA ALA B 24 7.04 -17.70 5.23
C ALA B 24 8.17 -18.11 4.28
N ALA B 25 7.85 -18.32 2.99
CA ALA B 25 8.88 -18.54 2.01
C ALA B 25 9.86 -17.39 1.96
N TRP B 26 9.37 -16.15 1.92
CA TRP B 26 10.29 -15.00 1.90
C TRP B 26 11.13 -15.01 3.21
N ASN B 27 10.49 -15.34 4.32
CA ASN B 27 11.17 -15.25 5.61
C ASN B 27 12.21 -16.31 5.82
N ARG B 28 12.17 -17.39 5.03
CA ARG B 28 13.32 -18.31 4.94
C ARG B 28 14.16 -18.08 3.69
N TRP B 29 13.98 -16.91 3.07
CA TRP B 29 14.72 -16.52 1.89
C TRP B 29 14.68 -17.54 0.74
N ASP B 30 13.47 -18.03 0.46
CA ASP B 30 13.19 -19.04 -0.57
C ASP B 30 12.17 -18.47 -1.62
N VAL B 31 12.72 -17.83 -2.61
CA VAL B 31 11.93 -17.25 -3.72
C VAL B 31 11.09 -18.32 -4.40
N SER B 32 11.65 -19.52 -4.55
CA SER B 32 10.93 -20.65 -5.16
C SER B 32 9.63 -20.96 -4.47
N GLY B 33 9.64 -20.79 -3.16
CA GLY B 33 8.47 -21.03 -2.36
C GLY B 33 7.39 -20.00 -2.66
N VAL B 34 7.76 -18.79 -3.02
CA VAL B 34 6.78 -17.77 -3.40
C VAL B 34 6.22 -18.05 -4.79
N VAL B 35 7.10 -18.29 -5.74
CA VAL B 35 6.76 -18.53 -7.15
C VAL B 35 5.86 -19.74 -7.31
N ALA B 36 6.00 -20.71 -6.41
CA ALA B 36 5.23 -21.93 -6.46
C ALA B 36 3.73 -21.64 -6.39
N HIS B 37 3.34 -20.50 -5.84
CA HIS B 37 1.91 -20.15 -5.75
C HIS B 37 1.29 -19.49 -6.97
N TRP B 38 2.10 -19.21 -7.97
CA TRP B 38 1.68 -18.47 -9.13
C TRP B 38 1.01 -19.38 -10.11
N ALA B 39 -0.01 -18.85 -10.77
CA ALA B 39 -0.59 -19.47 -11.91
C ALA B 39 0.41 -19.40 -13.10
N PRO B 40 0.28 -20.31 -14.04
CA PRO B 40 1.14 -20.29 -15.20
C PRO B 40 1.08 -18.97 -15.99
N ASP B 41 -0.08 -18.35 -16.06
CA ASP B 41 -0.17 -17.06 -16.74
C ASP B 41 -0.43 -15.88 -15.75
N VAL B 42 0.26 -15.88 -14.62
CA VAL B 42 0.21 -14.75 -13.71
C VAL B 42 0.68 -13.46 -14.37
N VAL B 43 0.02 -12.37 -14.08
CA VAL B 43 0.47 -11.05 -14.47
C VAL B 43 0.85 -10.27 -13.19
N HIS B 44 2.03 -9.67 -13.19
CA HIS B 44 2.50 -8.79 -12.14
C HIS B 44 2.54 -7.38 -12.73
N TYR B 45 1.96 -6.40 -12.03
CA TYR B 45 1.91 -4.98 -12.46
C TYR B 45 2.91 -4.19 -11.66
N ASP B 46 3.68 -3.35 -12.33
CA ASP B 46 4.56 -2.42 -11.64
C ASP B 46 3.79 -1.19 -11.15
N ASP B 47 4.55 -0.21 -10.65
CA ASP B 47 4.02 1.03 -10.08
C ASP B 47 3.29 1.89 -11.06
N GLU B 48 3.49 1.67 -12.35
CA GLU B 48 2.79 2.40 -13.36
C GLU B 48 1.73 1.58 -14.00
N ASP B 49 1.38 0.48 -13.34
CA ASP B 49 0.45 -0.55 -13.84
C ASP B 49 0.84 -1.23 -15.12
N LYS B 50 2.12 -1.26 -15.44
CA LYS B 50 2.56 -1.99 -16.60
C LYS B 50 2.91 -3.40 -16.18
N PRO B 51 2.47 -4.41 -16.97
CA PRO B 51 2.92 -5.78 -16.66
C PRO B 51 4.46 -5.91 -16.60
N VAL B 52 4.96 -6.72 -15.67
CA VAL B 52 6.37 -7.04 -15.59
C VAL B 52 6.47 -8.51 -15.89
N SER B 53 7.45 -8.91 -16.71
CA SER B 53 7.55 -10.35 -17.03
C SER B 53 7.96 -11.17 -15.83
N ALA B 54 7.37 -12.35 -15.71
CA ALA B 54 7.83 -13.41 -14.80
C ALA B 54 9.34 -13.38 -14.59
N GLU B 55 10.12 -13.37 -15.67
CA GLU B 55 11.54 -13.46 -15.56
C GLU B 55 12.12 -12.28 -14.79
N GLU B 56 11.62 -11.08 -15.09
CA GLU B 56 12.08 -9.85 -14.46
C GLU B 56 11.58 -9.79 -13.00
N VAL B 57 10.36 -10.21 -12.73
CA VAL B 57 9.90 -10.25 -11.34
C VAL B 57 10.78 -11.15 -10.48
N VAL B 58 11.06 -12.35 -10.97
CA VAL B 58 11.92 -13.28 -10.27
C VAL B 58 13.33 -12.71 -10.10
N ARG B 59 13.83 -12.00 -11.11
CA ARG B 59 15.14 -11.35 -10.99
C ARG B 59 15.10 -10.35 -9.84
N ARG B 60 14.04 -9.55 -9.75
CA ARG B 60 13.94 -8.55 -8.68
C ARG B 60 13.85 -9.18 -7.32
N MET B 61 13.10 -10.26 -7.23
CA MET B 61 12.96 -10.97 -5.95
C MET B 61 14.33 -11.52 -5.45
N ASN B 62 15.07 -12.15 -6.37
CA ASN B 62 16.43 -12.66 -6.11
C ASN B 62 17.39 -11.55 -5.71
N SER B 63 17.33 -10.43 -6.42
CA SER B 63 18.13 -9.25 -6.03
C SER B 63 17.86 -8.80 -4.65
N ALA B 64 16.60 -8.82 -4.25
CA ALA B 64 16.21 -8.39 -2.91
C ALA B 64 16.80 -9.32 -1.82
N VAL B 65 16.74 -10.62 -2.03
CA VAL B 65 17.29 -11.55 -1.07
C VAL B 65 18.83 -11.45 -1.02
N GLU B 66 19.47 -11.20 -2.16
CA GLU B 66 20.91 -10.97 -2.18
C GLU B 66 21.26 -9.67 -1.49
N ALA B 67 20.45 -8.68 -1.71
CA ALA B 67 20.67 -7.40 -1.10
C ALA B 67 20.44 -7.36 0.41
N PHE B 68 19.42 -8.10 0.88
CA PHE B 68 18.94 -8.08 2.26
C PHE B 68 18.76 -9.46 2.81
N PRO B 69 19.86 -10.20 2.95
CA PRO B 69 19.77 -11.61 3.21
C PRO B 69 19.27 -12.00 4.59
N ASP B 70 19.13 -11.05 5.50
CA ASP B 70 18.56 -11.29 6.81
C ASP B 70 17.14 -10.74 6.94
N LEU B 71 16.49 -10.45 5.81
CA LEU B 71 15.20 -9.78 5.87
C LEU B 71 14.13 -10.59 6.58
N ARG B 72 13.24 -9.83 7.20
CA ARG B 72 12.10 -10.36 7.95
C ARG B 72 10.89 -9.56 7.53
N LEU B 73 9.83 -10.26 7.18
CA LEU B 73 8.58 -9.67 6.83
C LEU B 73 7.65 -9.87 7.98
N ASP B 74 7.07 -8.77 8.43
CA ASP B 74 6.09 -8.78 9.49
C ASP B 74 4.78 -8.38 8.92
N VAL B 75 3.82 -9.30 8.90
CA VAL B 75 2.50 -8.94 8.35
C VAL B 75 1.70 -8.09 9.37
N ARG B 76 1.48 -6.84 9.05
CA ARG B 76 0.79 -5.93 9.97
C ARG B 76 -0.69 -6.16 9.93
N SER B 77 -1.21 -6.52 8.75
CA SER B 77 -2.61 -6.68 8.58
C SER B 77 -2.84 -7.46 7.31
N ILE B 78 -3.88 -8.26 7.29
CA ILE B 78 -4.26 -9.06 6.11
C ILE B 78 -5.76 -9.11 6.08
N VAL B 79 -6.33 -8.81 4.91
CA VAL B 79 -7.74 -8.79 4.68
C VAL B 79 -8.07 -9.56 3.37
N GLY B 80 -9.02 -10.48 3.40
CA GLY B 80 -9.50 -11.14 2.23
C GLY B 80 -10.99 -10.94 2.03
N GLU B 81 -11.40 -10.84 0.78
CA GLU B 81 -12.79 -10.81 0.40
C GLU B 81 -12.86 -11.24 -1.05
N GLY B 82 -13.76 -12.20 -1.33
CA GLY B 82 -13.84 -12.81 -2.63
C GLY B 82 -12.54 -13.47 -3.03
N ASP B 83 -12.03 -13.10 -4.20
CA ASP B 83 -10.84 -13.72 -4.76
C ASP B 83 -9.59 -12.87 -4.48
N ARG B 84 -9.68 -11.87 -3.61
CA ARG B 84 -8.47 -11.06 -3.36
C ARG B 84 -8.04 -11.04 -1.97
N VAL B 85 -6.78 -10.73 -1.77
CA VAL B 85 -6.20 -10.59 -0.44
C VAL B 85 -5.23 -9.40 -0.51
N MET B 86 -5.28 -8.57 0.49
CA MET B 86 -4.33 -7.47 0.64
C MET B 86 -3.59 -7.64 1.92
N LEU B 87 -2.32 -7.34 1.92
CA LEU B 87 -1.50 -7.39 3.11
C LEU B 87 -0.73 -6.10 3.24
N ARG B 88 -0.60 -5.61 4.47
CA ARG B 88 0.27 -4.49 4.79
C ARG B 88 1.42 -5.08 5.58
N ILE B 89 2.63 -4.97 5.03
CA ILE B 89 3.79 -5.72 5.48
C ILE B 89 4.92 -4.74 5.76
N THR B 90 5.65 -4.98 6.86
CA THR B 90 6.82 -4.21 7.17
C THR B 90 8.01 -5.09 7.05
N CYS B 91 8.99 -4.66 6.27
CA CYS B 91 10.21 -5.45 6.06
C CYS B 91 11.35 -4.78 6.84
N SER B 92 12.12 -5.59 7.58
CA SER B 92 13.33 -5.16 8.26
C SER B 92 14.50 -6.01 7.81
N ALA B 93 15.63 -5.37 7.51
CA ALA B 93 16.84 -6.09 7.10
C ALA B 93 18.08 -5.24 7.32
N THR B 94 19.21 -5.81 6.92
CA THR B 94 20.49 -5.11 6.87
C THR B 94 20.92 -5.06 5.43
N HIS B 95 21.37 -3.88 4.99
CA HIS B 95 21.79 -3.67 3.64
C HIS B 95 23.15 -4.33 3.42
N GLN B 96 23.16 -5.60 3.07
CA GLN B 96 24.44 -6.31 2.89
C GLN B 96 24.87 -6.50 1.45
N GLY B 97 24.02 -6.17 0.49
CA GLY B 97 24.35 -6.33 -0.93
C GLY B 97 23.93 -5.13 -1.73
N VAL B 98 24.44 -5.04 -2.96
CA VAL B 98 24.10 -3.91 -3.80
C VAL B 98 22.61 -3.91 -4.02
N PHE B 99 22.00 -2.72 -4.03
CA PHE B 99 20.55 -2.66 -4.26
C PHE B 99 20.03 -1.51 -5.10
N MET B 100 19.42 -1.83 -6.25
CA MET B 100 18.87 -0.80 -7.17
C MET B 100 20.05 0.13 -7.36
N GLY B 101 21.20 -0.48 -7.66
CA GLY B 101 22.42 0.26 -7.92
C GLY B 101 23.15 0.87 -6.76
N ILE B 102 22.58 0.85 -5.56
CA ILE B 102 23.24 1.44 -4.42
C ILE B 102 24.08 0.38 -3.75
N ALA B 103 25.37 0.66 -3.59
CA ALA B 103 26.24 -0.29 -2.95
C ALA B 103 25.87 -0.45 -1.48
N PRO B 104 26.31 -1.54 -0.87
CA PRO B 104 25.90 -1.77 0.52
C PRO B 104 26.44 -0.76 1.54
N THR B 105 25.66 -0.51 2.59
CA THR B 105 26.04 0.36 3.69
C THR B 105 26.16 -0.41 4.98
N GLY B 106 25.58 -1.60 5.06
CA GLY B 106 25.64 -2.38 6.28
C GLY B 106 24.65 -1.92 7.32
N ARG B 107 23.89 -0.87 7.06
CA ARG B 107 22.92 -0.35 8.03
C ARG B 107 21.58 -1.12 8.12
N LYS B 108 20.95 -1.02 9.28
CA LYS B 108 19.59 -1.47 9.48
C LYS B 108 18.62 -0.64 8.65
N VAL B 109 17.78 -1.29 7.85
CA VAL B 109 16.79 -0.56 7.04
C VAL B 109 15.42 -1.12 7.27
N ARG B 110 14.40 -0.38 6.83
CA ARG B 110 13.04 -0.78 7.07
C ARG B 110 12.14 -0.12 6.08
N TRP B 111 11.22 -0.89 5.53
CA TRP B 111 10.24 -0.31 4.64
C TRP B 111 8.91 -1.03 4.77
N THR B 112 7.86 -0.34 4.33
CA THR B 112 6.51 -0.84 4.40
C THR B 112 5.93 -0.95 3.02
N TYR B 113 5.09 -1.95 2.82
CA TYR B 113 4.44 -2.11 1.53
C TYR B 113 3.10 -2.84 1.60
N LEU B 114 2.28 -2.55 0.60
CA LEU B 114 1.06 -3.28 0.32
C LEU B 114 1.34 -4.35 -0.69
N GLU B 115 0.79 -5.54 -0.49
CA GLU B 115 0.83 -6.59 -1.46
C GLU B 115 -0.61 -6.99 -1.71
N GLU B 116 -1.00 -7.04 -2.98
CA GLU B 116 -2.35 -7.41 -3.31
C GLU B 116 -2.33 -8.51 -4.29
N LEU B 117 -3.09 -9.53 -4.03
CA LEU B 117 -3.10 -10.72 -4.84
C LEU B 117 -4.50 -11.16 -5.19
N ARG B 118 -4.71 -11.53 -6.43
CA ARG B 118 -5.95 -12.05 -6.89
C ARG B 118 -5.75 -13.51 -7.24
N PHE B 119 -6.68 -14.35 -6.75
CA PHE B 119 -6.58 -15.81 -6.90
C PHE B 119 -7.63 -16.41 -7.84
N SER B 120 -7.21 -17.43 -8.58
CA SER B 120 -8.12 -18.32 -9.34
C SER B 120 -8.90 -19.18 -8.43
N GLU B 121 -9.99 -19.76 -8.96
CA GLU B 121 -10.75 -20.80 -8.25
C GLU B 121 -9.84 -21.95 -7.80
N ALA B 122 -8.85 -22.32 -8.58
CA ALA B 122 -7.92 -23.35 -8.15
C ALA B 122 -6.93 -22.94 -7.06
N GLY B 123 -6.94 -21.68 -6.62
CA GLY B 123 -6.04 -21.23 -5.58
C GLY B 123 -4.68 -20.74 -5.97
N LYS B 124 -4.47 -20.38 -7.22
CA LYS B 124 -3.19 -19.83 -7.69
C LYS B 124 -3.28 -18.35 -7.91
N VAL B 125 -2.13 -17.67 -7.83
CA VAL B 125 -2.09 -16.25 -8.03
C VAL B 125 -2.14 -15.98 -9.53
N VAL B 126 -3.15 -15.22 -9.93
CA VAL B 126 -3.36 -14.78 -11.35
C VAL B 126 -3.07 -13.30 -11.60
N GLU B 127 -3.15 -12.46 -10.58
CA GLU B 127 -2.75 -11.05 -10.72
C GLU B 127 -2.16 -10.54 -9.44
N HIS B 128 -1.18 -9.63 -9.54
CA HIS B 128 -0.45 -9.19 -8.36
C HIS B 128 0.00 -7.75 -8.50
N TRP B 129 -0.26 -6.97 -7.48
CA TRP B 129 0.11 -5.60 -7.42
C TRP B 129 0.86 -5.39 -6.12
N ASP B 130 1.63 -4.32 -6.08
CA ASP B 130 2.25 -3.83 -4.83
C ASP B 130 2.19 -2.32 -4.80
N VAL B 131 2.32 -1.77 -3.60
CA VAL B 131 2.70 -0.37 -3.41
C VAL B 131 3.84 -0.38 -2.40
N PHE B 132 5.02 0.05 -2.83
CA PHE B 132 6.17 0.13 -1.94
C PHE B 132 6.45 1.57 -1.53
N ASN B 133 6.58 1.80 -0.25
CA ASN B 133 7.13 3.03 0.25
C ASN B 133 8.58 2.85 0.60
N PHE B 134 9.42 3.08 -0.40
CA PHE B 134 10.87 3.01 -0.21
C PHE B 134 11.51 4.29 0.36
N SER B 135 10.71 5.24 0.86
CA SER B 135 11.25 6.50 1.33
C SER B 135 12.21 6.30 2.51
N PRO B 136 11.75 5.63 3.60
CA PRO B 136 12.73 5.34 4.64
C PRO B 136 14.04 4.74 4.10
N LEU B 137 13.93 3.79 3.18
CA LEU B 137 15.11 3.14 2.67
C LEU B 137 15.98 4.15 1.94
N PHE B 138 15.41 5.00 1.06
CA PHE B 138 16.22 6.03 0.36
C PHE B 138 16.66 7.11 1.36
CBP XN8 C . -0.84 11.25 7.95
OBO XN8 C . -0.06 11.93 6.97
CAD XN8 C . -0.20 11.32 5.69
CAC XN8 C . 1.15 10.85 5.23
CAK XN8 C . 0.98 9.86 4.07
OAJ XN8 C . 1.78 10.17 6.28
CAB XN8 C . 2.01 12.02 4.87
OAG XN8 C . 3.20 11.56 4.31
CAA XN8 C . 1.33 12.86 3.85
CAL XN8 C . 2.20 14.07 3.58
OAF XN8 C . 0.10 13.31 4.41
CAE XN8 C . -0.83 12.33 4.77
OAH XN8 C . -1.43 11.64 3.67
CBD XN8 C . -2.33 12.39 2.98
CBE XN8 C . -1.65 13.16 2.00
CBF XN8 C . -2.35 13.13 0.62
CBM XN8 C . -1.37 13.66 -0.49
OBL XN8 C . -3.42 14.05 0.81
CAY XN8 C . -3.51 11.71 2.73
CAX XN8 C . -4.39 11.30 3.73
OBN XN8 C . -4.16 11.67 4.98
CAT XN8 C . -5.54 10.56 3.47
CAS XN8 C . -6.41 10.21 4.49
OBC XN8 C . -6.16 10.58 5.65
CAP XN8 C . -7.54 9.46 4.23
CAO XN8 C . -8.41 9.10 5.26
OAW XN8 C . -8.13 9.54 6.53
CAN XN8 C . -9.54 8.35 5.04
CAM XN8 C . -9.83 7.96 3.75
CAR XN8 C . -8.98 8.33 2.73
OAS XN8 C . -9.28 7.93 1.50
CAQ XN8 C . -7.81 9.08 2.94
CAV XN8 C . -6.91 9.43 1.90
OBB XN8 C . -7.13 9.10 0.72
CAU XN8 C . -5.78 10.16 2.17
CBA XN8 C . -4.92 10.57 1.13
CAZ XN8 C . -3.74 11.30 1.38
CBG XN8 C . -2.93 11.80 0.32
CBH XN8 C . -3.44 11.69 -0.98
OBJ XN8 C . -3.22 11.24 -2.01
OBI XN8 C . -4.16 12.44 -1.29
CBK XN8 C . -5.38 12.54 -2.23
#